data_9I69
#
_entry.id   9I69
#
_cell.length_a   35.339
_cell.length_b   87.341
_cell.length_c   48.511
_cell.angle_alpha   90.00
_cell.angle_beta   110.14
_cell.angle_gamma   90.00
#
_symmetry.space_group_name_H-M   'P 1 21 1'
#
loop_
_entity.id
_entity.type
_entity.pdbx_description
1 polymer 'Cell division cycle protein 20 homolog'
2 polymer ARG-ALA-PRO-0JY-SER-ASP
3 water water
#
loop_
_entity_poly.entity_id
_entity_poly.type
_entity_poly.pdbx_seq_one_letter_code
_entity_poly.pdbx_strand_id
1 'polypeptide(L)'
;MAQFAFESDLHSLLQLDAPIPNAPPARWQRKAKEAAGPAPSPMRAANRSHSAGRTPGRTPGKSSSKVQTTPSKPGGDRYI
PHRSAAQMEVASFLLSKENQPENSQTPTKKEHQKAWALNLNGFDVEEAKILRLSGKPQNAPEGYQNRLKVLYSQKATPGS
SRKTCRYIPSLPDRILDAPEIRNDYYLNLVDWSSGNVLAVALDNSVYLWSASSGDILQLLQMEQPGEYISSVAWIKEGNY
LAVGTSSAEVQLWDVQQQKRLRNMTSHSARVGSLSWNSYILSSGSRSGHIHHHDVRVAEHHVATLSGHSQEVCGLRWAPD
GRHLASGGNDNLVNVWPSAPGEGGWVPLQTFTQHQGAVKAVAWCPWQSNVLATGGGTSDRHIRIWNVCSGACLSAVDAHS
QVCSILWSPHYKELISGHGFAQNQLVIWKYPTMAKVAELKGHTSRVLSLTMSPDGATVASAAADETLRLWRCFELDPARR
REREKASAAKSSLIHQGIR
;
A
2 'polypeptide(L)' RAP(0JY)SDITN B
#
loop_
_chem_comp.id
_chem_comp.type
_chem_comp.name
_chem_comp.formula
0JY non-polymer 4-methyl-L-leucine 'C7 H15 N O2'
#
# COMPACT_ATOMS: atom_id res chain seq x y z
N ARG A 166 23.99 -7.86 10.87
CA ARG A 166 23.91 -8.55 9.58
C ARG A 166 24.22 -7.59 8.41
N TYR A 167 24.76 -8.10 7.29
CA TYR A 167 25.08 -7.26 6.14
C TYR A 167 23.84 -6.87 5.29
N ILE A 168 23.59 -5.57 5.15
CA ILE A 168 22.52 -5.04 4.31
C ILE A 168 23.17 -4.16 3.24
N PRO A 169 22.91 -4.40 1.94
CA PRO A 169 23.56 -3.59 0.90
C PRO A 169 23.14 -2.12 0.94
N SER A 170 24.11 -1.20 0.78
CA SER A 170 23.78 0.23 0.78
C SER A 170 23.24 0.72 -0.58
N LEU A 171 23.42 -0.08 -1.65
CA LEU A 171 22.91 0.27 -2.96
C LEU A 171 21.70 -0.60 -3.28
N PRO A 172 20.76 -0.07 -4.06
CA PRO A 172 19.65 -0.91 -4.52
C PRO A 172 20.13 -1.89 -5.60
N ASP A 173 19.43 -3.00 -5.76
CA ASP A 173 19.70 -3.99 -6.79
C ASP A 173 19.34 -3.47 -8.19
N ARG A 174 18.28 -2.65 -8.29
CA ARG A 174 17.81 -2.08 -9.55
C ARG A 174 17.29 -0.66 -9.33
N ILE A 175 17.35 0.17 -10.36
CA ILE A 175 16.77 1.50 -10.34
C ILE A 175 15.99 1.61 -11.62
N LEU A 176 14.65 1.65 -11.52
CA LEU A 176 13.79 1.71 -12.70
C LEU A 176 13.26 3.12 -12.88
N ASP A 177 13.18 3.63 -14.12
CA ASP A 177 12.69 4.98 -14.35
C ASP A 177 11.19 5.00 -14.11
N ALA A 178 10.69 6.02 -13.45
CA ALA A 178 9.24 6.15 -13.19
C ALA A 178 8.82 7.56 -13.63
N PRO A 179 8.97 7.89 -14.94
CA PRO A 179 8.60 9.24 -15.40
C PRO A 179 7.13 9.52 -15.19
N GLU A 180 6.80 10.77 -14.84
CA GLU A 180 5.42 11.21 -14.64
C GLU A 180 4.73 10.59 -13.44
N ILE A 181 5.48 9.95 -12.50
CA ILE A 181 4.83 9.44 -11.27
C ILE A 181 4.15 10.61 -10.52
N ARG A 182 2.93 10.38 -10.04
CA ARG A 182 2.17 11.45 -9.40
C ARG A 182 2.66 11.67 -7.99
N ASN A 183 3.19 12.86 -7.69
CA ASN A 183 3.72 13.17 -6.37
C ASN A 183 2.57 13.56 -5.44
N ASP A 184 1.73 12.60 -5.12
CA ASP A 184 0.56 12.79 -4.29
C ASP A 184 0.68 11.76 -3.19
N TYR A 185 0.83 12.24 -1.95
CA TYR A 185 1.05 11.38 -0.79
C TYR A 185 -0.02 10.33 -0.57
N TYR A 186 -1.25 10.62 -0.89
CA TYR A 186 -2.39 9.76 -0.55
C TYR A 186 -2.58 8.55 -1.47
N LEU A 187 -1.92 8.54 -2.62
CA LEU A 187 -2.10 7.47 -3.60
C LEU A 187 -1.28 6.24 -3.33
N ASN A 188 -1.76 5.08 -3.79
CA ASN A 188 -1.03 3.81 -3.55
C ASN A 188 -0.70 3.24 -4.94
N LEU A 189 0.39 3.72 -5.51
CA LEU A 189 0.72 3.52 -6.92
C LEU A 189 1.53 2.31 -7.34
N VAL A 190 2.04 1.52 -6.38
N VAL A 190 2.03 1.52 -6.37
CA VAL A 190 2.81 0.32 -6.72
CA VAL A 190 2.86 0.36 -6.73
C VAL A 190 2.38 -0.92 -5.95
C VAL A 190 2.46 -0.91 -5.94
N ASP A 191 2.51 -2.10 -6.59
CA ASP A 191 2.22 -3.35 -5.91
C ASP A 191 2.95 -4.47 -6.63
N TRP A 192 3.50 -5.39 -5.87
CA TRP A 192 4.31 -6.52 -6.36
C TRP A 192 3.51 -7.81 -6.17
N SER A 193 3.23 -8.49 -7.28
CA SER A 193 2.35 -9.65 -7.27
C SER A 193 3.01 -10.90 -6.75
N SER A 194 2.17 -11.88 -6.38
CA SER A 194 2.67 -13.20 -5.98
C SER A 194 3.34 -13.93 -7.18
N GLY A 195 3.05 -13.50 -8.42
CA GLY A 195 3.67 -14.01 -9.63
C GLY A 195 4.94 -13.26 -10.02
N ASN A 196 5.45 -12.37 -9.11
CA ASN A 196 6.69 -11.64 -9.26
C ASN A 196 6.65 -10.60 -10.38
N VAL A 197 5.51 -9.89 -10.46
CA VAL A 197 5.31 -8.84 -11.44
C VAL A 197 4.99 -7.56 -10.66
N LEU A 198 5.72 -6.48 -10.91
CA LEU A 198 5.45 -5.19 -10.27
C LEU A 198 4.51 -4.43 -11.15
N ALA A 199 3.45 -3.84 -10.56
CA ALA A 199 2.51 -2.97 -11.27
C ALA A 199 2.85 -1.58 -10.80
N VAL A 200 3.05 -0.64 -11.74
CA VAL A 200 3.41 0.74 -11.38
C VAL A 200 2.51 1.67 -12.11
N ALA A 201 1.84 2.58 -11.39
CA ALA A 201 0.97 3.54 -12.02
C ALA A 201 1.77 4.82 -12.27
N LEU A 202 1.92 5.18 -13.55
CA LEU A 202 2.60 6.40 -13.93
C LEU A 202 1.61 7.33 -14.62
N ASP A 203 1.10 8.31 -13.85
CA ASP A 203 0.10 9.29 -14.31
C ASP A 203 -1.18 8.56 -14.76
N ASN A 204 -1.46 8.47 -16.08
CA ASN A 204 -2.68 7.83 -16.57
C ASN A 204 -2.47 6.42 -17.09
N SER A 205 -1.31 5.83 -16.86
CA SER A 205 -1.01 4.49 -17.35
C SER A 205 -0.59 3.56 -16.23
N VAL A 206 -0.71 2.23 -16.48
CA VAL A 206 -0.19 1.25 -15.54
C VAL A 206 0.77 0.42 -16.34
N TYR A 207 2.00 0.27 -15.84
CA TYR A 207 3.02 -0.55 -16.47
C TYR A 207 3.25 -1.80 -15.62
N LEU A 208 3.58 -2.91 -16.25
CA LEU A 208 3.92 -4.14 -15.55
C LEU A 208 5.36 -4.47 -15.85
N TRP A 209 6.12 -4.82 -14.83
CA TRP A 209 7.52 -5.18 -15.00
C TRP A 209 7.69 -6.58 -14.42
N SER A 210 8.06 -7.55 -15.26
N SER A 210 8.10 -7.52 -15.26
CA SER A 210 8.27 -8.91 -14.78
CA SER A 210 8.34 -8.87 -14.81
C SER A 210 9.68 -8.98 -14.24
C SER A 210 9.73 -8.86 -14.21
N ALA A 211 9.85 -9.14 -12.91
CA ALA A 211 11.16 -9.13 -12.25
C ALA A 211 12.14 -10.19 -12.74
N SER A 212 11.65 -11.35 -13.16
CA SER A 212 12.53 -12.41 -13.62
C SER A 212 13.13 -12.16 -15.02
N SER A 213 12.39 -11.52 -15.93
CA SER A 213 12.87 -11.33 -17.30
C SER A 213 13.22 -9.90 -17.67
N GLY A 214 12.67 -8.94 -16.94
CA GLY A 214 12.84 -7.53 -17.25
C GLY A 214 11.83 -7.01 -18.28
N ASP A 215 10.90 -7.87 -18.73
N ASP A 215 10.87 -7.86 -18.69
CA ASP A 215 9.91 -7.46 -19.72
CA ASP A 215 9.83 -7.51 -19.65
C ASP A 215 8.99 -6.38 -19.12
C ASP A 215 8.96 -6.38 -19.10
N ILE A 216 8.66 -5.38 -19.93
CA ILE A 216 7.81 -4.28 -19.51
C ILE A 216 6.61 -4.25 -20.44
N LEU A 217 5.41 -4.05 -19.88
CA LEU A 217 4.20 -3.98 -20.69
C LEU A 217 3.39 -2.77 -20.21
N GLN A 218 2.90 -1.95 -21.15
CA GLN A 218 1.98 -0.87 -20.79
C GLN A 218 0.61 -1.57 -20.77
N LEU A 219 0.09 -1.93 -19.59
CA LEU A 219 -1.17 -2.67 -19.49
C LEU A 219 -2.38 -1.87 -19.94
N LEU A 220 -2.40 -0.61 -19.53
CA LEU A 220 -3.54 0.23 -19.83
C LEU A 220 -3.21 1.68 -19.76
N GLN A 221 -4.09 2.45 -20.35
CA GLN A 221 -4.03 3.90 -20.24
C GLN A 221 -5.45 4.40 -20.12
N MET A 222 -5.68 5.39 -19.23
CA MET A 222 -7.00 6.01 -19.07
C MET A 222 -7.48 6.61 -20.39
N GLU A 223 -8.76 6.53 -20.68
CA GLU A 223 -9.28 6.95 -21.99
C GLU A 223 -9.76 8.36 -22.08
N GLN A 224 -9.88 9.10 -20.97
CA GLN A 224 -10.40 10.46 -21.06
C GLN A 224 -9.43 11.49 -20.47
N PRO A 225 -9.38 12.72 -21.03
CA PRO A 225 -8.48 13.74 -20.47
C PRO A 225 -8.74 14.00 -18.99
N GLY A 226 -7.67 14.29 -18.26
CA GLY A 226 -7.77 14.60 -16.83
C GLY A 226 -7.74 13.38 -15.92
N GLU A 227 -8.03 12.20 -16.47
CA GLU A 227 -8.08 10.98 -15.66
C GLU A 227 -6.70 10.47 -15.30
N TYR A 228 -6.50 10.04 -14.05
CA TYR A 228 -5.25 9.44 -13.62
C TYR A 228 -5.49 8.21 -12.74
N ILE A 229 -4.47 7.34 -12.62
CA ILE A 229 -4.58 6.16 -11.77
C ILE A 229 -4.27 6.57 -10.33
N SER A 230 -5.15 6.16 -9.41
CA SER A 230 -4.98 6.52 -8.00
C SER A 230 -4.60 5.34 -7.08
N SER A 231 -4.76 4.08 -7.55
CA SER A 231 -4.33 2.95 -6.75
C SER A 231 -4.19 1.70 -7.60
N VAL A 232 -3.34 0.77 -7.16
CA VAL A 232 -3.25 -0.54 -7.77
C VAL A 232 -3.10 -1.61 -6.69
N ALA A 233 -3.69 -2.79 -6.91
CA ALA A 233 -3.52 -3.91 -5.98
C ALA A 233 -3.75 -5.23 -6.66
N TRP A 234 -2.81 -6.16 -6.52
CA TRP A 234 -2.95 -7.48 -7.08
C TRP A 234 -3.80 -8.38 -6.21
N ILE A 235 -4.62 -9.23 -6.86
CA ILE A 235 -5.34 -10.28 -6.14
C ILE A 235 -4.26 -11.30 -5.65
N LYS A 236 -4.56 -12.07 -4.59
CA LYS A 236 -3.58 -13.01 -4.02
C LYS A 236 -2.94 -13.96 -5.02
N GLU A 237 -3.70 -14.50 -5.98
CA GLU A 237 -3.14 -15.39 -7.01
C GLU A 237 -2.26 -14.68 -8.07
N GLY A 238 -2.33 -13.35 -8.12
CA GLY A 238 -1.53 -12.57 -9.04
C GLY A 238 -2.04 -12.53 -10.48
N ASN A 239 -3.25 -13.06 -10.79
CA ASN A 239 -3.74 -13.01 -12.19
C ASN A 239 -4.62 -11.79 -12.54
N TYR A 240 -5.18 -11.17 -11.53
CA TYR A 240 -6.03 -10.00 -11.69
C TYR A 240 -5.42 -8.82 -10.97
N LEU A 241 -5.52 -7.63 -11.58
CA LEU A 241 -5.03 -6.40 -10.97
C LEU A 241 -6.20 -5.45 -10.78
N ALA A 242 -6.41 -4.95 -9.56
CA ALA A 242 -7.45 -3.95 -9.34
C ALA A 242 -6.78 -2.59 -9.59
N VAL A 243 -7.51 -1.65 -10.25
CA VAL A 243 -6.94 -0.33 -10.54
C VAL A 243 -8.00 0.70 -10.15
N GLY A 244 -7.70 1.53 -9.15
CA GLY A 244 -8.59 2.60 -8.73
C GLY A 244 -8.26 3.83 -9.54
N THR A 245 -9.30 4.64 -9.89
CA THR A 245 -9.07 5.79 -10.73
C THR A 245 -9.59 7.09 -10.12
N SER A 246 -9.06 8.21 -10.62
CA SER A 246 -9.48 9.56 -10.25
C SER A 246 -10.95 9.80 -10.57
N SER A 247 -11.51 9.08 -11.56
CA SER A 247 -12.92 9.19 -11.93
C SER A 247 -13.79 8.25 -11.09
N ALA A 248 -13.30 7.77 -9.90
CA ALA A 248 -14.07 6.96 -8.95
C ALA A 248 -14.43 5.57 -9.43
N GLU A 249 -13.59 5.00 -10.32
CA GLU A 249 -13.85 3.65 -10.80
C GLU A 249 -12.89 2.69 -10.14
N VAL A 250 -13.32 1.46 -10.00
CA VAL A 250 -12.45 0.38 -9.56
C VAL A 250 -12.48 -0.62 -10.74
N GLN A 251 -11.43 -0.62 -11.57
CA GLN A 251 -11.34 -1.50 -12.73
C GLN A 251 -10.68 -2.81 -12.33
N LEU A 252 -11.11 -3.90 -12.94
CA LEU A 252 -10.52 -5.20 -12.66
C LEU A 252 -9.92 -5.68 -13.97
N TRP A 253 -8.61 -5.83 -14.00
CA TRP A 253 -7.90 -6.25 -15.20
C TRP A 253 -7.39 -7.68 -15.11
N ASP A 254 -7.55 -8.45 -16.16
CA ASP A 254 -7.01 -9.80 -16.23
C ASP A 254 -5.68 -9.62 -16.95
N VAL A 255 -4.56 -9.78 -16.26
CA VAL A 255 -3.25 -9.49 -16.89
C VAL A 255 -2.77 -10.60 -17.81
N GLN A 256 -3.32 -11.82 -17.72
CA GLN A 256 -2.95 -12.89 -18.65
C GLN A 256 -3.61 -12.58 -20.01
N GLN A 257 -4.89 -12.15 -19.99
CA GLN A 257 -5.59 -11.77 -21.22
C GLN A 257 -5.33 -10.30 -21.61
N GLN A 258 -4.76 -9.48 -20.73
CA GLN A 258 -4.52 -8.06 -20.96
C GLN A 258 -5.81 -7.36 -21.35
N LYS A 259 -6.84 -7.57 -20.54
CA LYS A 259 -8.13 -6.99 -20.81
C LYS A 259 -8.87 -6.61 -19.57
N ARG A 260 -9.70 -5.59 -19.69
CA ARG A 260 -10.49 -5.14 -18.58
C ARG A 260 -11.71 -6.02 -18.45
N LEU A 261 -11.88 -6.63 -17.29
CA LEU A 261 -13.03 -7.50 -17.04
C LEU A 261 -14.19 -6.69 -16.50
N ARG A 262 -13.89 -5.73 -15.61
CA ARG A 262 -14.93 -4.96 -14.95
C ARG A 262 -14.56 -3.51 -14.80
N ASN A 263 -15.57 -2.66 -14.75
CA ASN A 263 -15.38 -1.27 -14.46
C ASN A 263 -16.43 -0.98 -13.40
N MET A 264 -16.05 -1.15 -12.13
CA MET A 264 -16.96 -1.04 -11.01
C MET A 264 -17.10 0.37 -10.52
N THR A 265 -18.32 0.87 -10.60
CA THR A 265 -18.63 2.19 -10.11
C THR A 265 -19.52 2.00 -8.88
N SER A 266 -19.23 2.73 -7.84
CA SER A 266 -19.98 2.75 -6.59
C SER A 266 -19.56 3.99 -5.78
N HIS A 267 -18.26 4.39 -5.89
CA HIS A 267 -17.70 5.54 -5.19
C HIS A 267 -18.06 6.87 -5.80
N SER A 268 -18.01 7.93 -4.98
CA SER A 268 -18.32 9.28 -5.41
C SER A 268 -17.07 10.15 -5.62
N ALA A 269 -15.88 9.61 -5.40
CA ALA A 269 -14.63 10.37 -5.52
C ALA A 269 -13.48 9.39 -5.81
N ARG A 270 -12.25 9.91 -6.06
CA ARG A 270 -11.13 9.04 -6.41
C ARG A 270 -10.88 7.91 -5.42
N VAL A 271 -10.45 6.76 -5.99
CA VAL A 271 -10.20 5.57 -5.19
C VAL A 271 -8.68 5.46 -5.01
N GLY A 272 -8.20 5.94 -3.87
CA GLY A 272 -6.76 5.96 -3.61
C GLY A 272 -6.17 4.77 -2.86
N SER A 273 -7.00 3.87 -2.32
CA SER A 273 -6.50 2.70 -1.60
C SER A 273 -7.31 1.46 -1.92
N LEU A 274 -6.63 0.29 -1.92
CA LEU A 274 -7.27 -0.98 -2.24
C LEU A 274 -6.63 -2.08 -1.44
N SER A 275 -7.41 -3.08 -1.05
CA SER A 275 -6.87 -4.27 -0.40
C SER A 275 -7.78 -5.45 -0.66
N TRP A 276 -7.19 -6.61 -1.00
CA TRP A 276 -7.98 -7.81 -1.25
C TRP A 276 -8.04 -8.72 -0.03
N ASN A 277 -9.14 -9.48 0.09
CA ASN A 277 -9.36 -10.57 1.02
C ASN A 277 -10.01 -11.67 0.19
N SER A 278 -9.22 -12.60 -0.38
CA SER A 278 -9.71 -13.63 -1.30
C SER A 278 -10.37 -12.89 -2.52
N TYR A 279 -11.64 -13.15 -2.86
CA TYR A 279 -12.36 -12.51 -3.97
C TYR A 279 -13.02 -11.19 -3.56
N ILE A 280 -12.96 -10.78 -2.28
CA ILE A 280 -13.51 -9.50 -1.87
C ILE A 280 -12.40 -8.46 -2.07
N LEU A 281 -12.70 -7.34 -2.72
CA LEU A 281 -11.74 -6.28 -2.92
C LEU A 281 -12.31 -5.09 -2.19
N SER A 282 -11.55 -4.52 -1.26
CA SER A 282 -12.01 -3.36 -0.52
C SER A 282 -11.38 -2.14 -1.13
N SER A 283 -12.15 -1.07 -1.28
CA SER A 283 -11.66 0.14 -1.90
C SER A 283 -11.97 1.34 -1.01
N GLY A 284 -10.98 2.20 -0.83
CA GLY A 284 -11.14 3.41 -0.03
C GLY A 284 -11.11 4.63 -0.92
N SER A 285 -11.94 5.61 -0.59
CA SER A 285 -12.09 6.78 -1.42
C SER A 285 -11.76 8.10 -0.72
N ARG A 286 -11.51 9.13 -1.52
CA ARG A 286 -11.32 10.50 -1.04
C ARG A 286 -12.59 10.97 -0.25
N SER A 287 -13.76 10.35 -0.50
CA SER A 287 -14.99 10.68 0.22
C SER A 287 -14.97 10.27 1.70
N GLY A 288 -14.13 9.29 2.04
CA GLY A 288 -14.05 8.76 3.40
C GLY A 288 -14.67 7.39 3.54
N HIS A 289 -15.37 6.91 2.49
CA HIS A 289 -16.04 5.64 2.54
C HIS A 289 -15.16 4.51 2.05
N ILE A 290 -15.44 3.30 2.54
CA ILE A 290 -14.79 2.08 2.10
C ILE A 290 -15.89 1.18 1.57
N HIS A 291 -15.67 0.63 0.38
CA HIS A 291 -16.63 -0.29 -0.21
C HIS A 291 -16.03 -1.68 -0.30
N HIS A 292 -16.83 -2.73 -0.02
CA HIS A 292 -16.37 -4.10 -0.26
C HIS A 292 -17.03 -4.49 -1.60
N HIS A 293 -16.24 -5.06 -2.51
CA HIS A 293 -16.71 -5.50 -3.82
C HIS A 293 -16.52 -7.01 -3.93
N ASP A 294 -17.59 -7.75 -4.28
CA ASP A 294 -17.42 -9.17 -4.57
C ASP A 294 -17.22 -9.12 -6.10
N VAL A 295 -15.96 -9.20 -6.54
CA VAL A 295 -15.63 -9.04 -7.96
C VAL A 295 -16.15 -10.17 -8.87
N ARG A 296 -16.67 -11.27 -8.29
CA ARG A 296 -17.20 -12.38 -9.09
C ARG A 296 -18.64 -12.15 -9.54
N VAL A 297 -19.36 -11.20 -8.90
CA VAL A 297 -20.79 -11.05 -9.16
C VAL A 297 -21.20 -9.69 -9.74
N ALA A 298 -22.32 -9.69 -10.48
CA ALA A 298 -22.89 -8.52 -11.14
C ALA A 298 -23.12 -7.35 -10.19
N GLU A 299 -23.78 -7.58 -9.03
CA GLU A 299 -24.01 -6.56 -8.01
C GLU A 299 -22.81 -6.63 -7.08
N HIS A 300 -21.69 -6.09 -7.53
CA HIS A 300 -20.42 -6.15 -6.82
C HIS A 300 -20.41 -5.44 -5.48
N HIS A 301 -21.13 -4.33 -5.34
CA HIS A 301 -21.08 -3.55 -4.09
C HIS A 301 -21.85 -4.21 -2.95
N VAL A 302 -21.15 -4.93 -2.05
CA VAL A 302 -21.83 -5.70 -1.01
C VAL A 302 -21.79 -5.09 0.38
N ALA A 303 -21.01 -4.03 0.59
CA ALA A 303 -20.95 -3.39 1.91
C ALA A 303 -20.34 -2.00 1.80
N THR A 304 -20.73 -1.11 2.72
CA THR A 304 -20.18 0.25 2.84
C THR A 304 -19.77 0.42 4.32
N LEU A 305 -18.50 0.77 4.53
CA LEU A 305 -17.89 0.98 5.85
C LEU A 305 -17.62 2.46 5.92
N SER A 306 -18.27 3.17 6.83
CA SER A 306 -18.14 4.62 6.92
C SER A 306 -17.62 5.05 8.28
N GLY A 307 -16.29 5.13 8.40
CA GLY A 307 -15.66 5.54 9.66
C GLY A 307 -14.63 6.65 9.49
N HIS A 308 -14.58 7.28 8.32
CA HIS A 308 -13.64 8.36 8.06
C HIS A 308 -14.36 9.58 7.50
N SER A 309 -13.89 10.76 7.87
CA SER A 309 -14.48 12.00 7.35
C SER A 309 -13.62 12.64 6.26
N GLN A 310 -12.44 12.08 5.98
CA GLN A 310 -11.51 12.55 4.94
C GLN A 310 -10.97 11.30 4.20
N GLU A 311 -10.12 11.52 3.21
CA GLU A 311 -9.62 10.47 2.32
C GLU A 311 -9.07 9.25 3.03
N VAL A 312 -9.51 8.06 2.58
CA VAL A 312 -8.97 6.82 3.09
C VAL A 312 -7.72 6.50 2.28
N CYS A 313 -6.55 6.75 2.86
CA CYS A 313 -5.28 6.59 2.16
C CYS A 313 -4.53 5.31 2.51
N GLY A 314 -4.90 4.62 3.59
CA GLY A 314 -4.27 3.34 3.93
C GLY A 314 -5.35 2.28 4.13
N LEU A 315 -5.18 1.08 3.56
CA LEU A 315 -6.25 0.08 3.65
C LEU A 315 -5.61 -1.28 3.52
N ARG A 316 -5.76 -2.13 4.54
CA ARG A 316 -5.08 -3.41 4.54
C ARG A 316 -5.82 -4.48 5.31
N TRP A 317 -6.17 -5.54 4.59
CA TRP A 317 -6.76 -6.69 5.25
C TRP A 317 -5.64 -7.44 5.96
N ALA A 318 -5.96 -8.02 7.13
CA ALA A 318 -5.00 -8.83 7.84
C ALA A 318 -4.75 -10.13 7.04
N PRO A 319 -3.53 -10.70 7.11
CA PRO A 319 -3.25 -11.96 6.38
C PRO A 319 -4.21 -13.11 6.72
N ASP A 320 -4.76 -13.14 7.94
CA ASP A 320 -5.73 -14.19 8.28
C ASP A 320 -7.20 -13.83 7.92
N GLY A 321 -7.41 -12.63 7.38
CA GLY A 321 -8.73 -12.14 7.00
C GLY A 321 -9.69 -11.85 8.16
N ARG A 322 -9.19 -11.82 9.41
CA ARG A 322 -10.06 -11.58 10.55
C ARG A 322 -10.35 -10.10 10.80
N HIS A 323 -9.49 -9.20 10.31
CA HIS A 323 -9.68 -7.76 10.49
C HIS A 323 -9.26 -6.99 9.24
N LEU A 324 -9.81 -5.77 9.06
CA LEU A 324 -9.39 -4.87 8.00
C LEU A 324 -8.98 -3.56 8.68
N ALA A 325 -7.79 -3.03 8.39
CA ALA A 325 -7.38 -1.77 8.99
C ALA A 325 -7.47 -0.66 7.95
N SER A 326 -7.92 0.51 8.36
CA SER A 326 -7.96 1.67 7.47
C SER A 326 -7.36 2.87 8.14
N GLY A 327 -6.60 3.64 7.39
CA GLY A 327 -6.02 4.91 7.85
C GLY A 327 -6.48 6.06 6.96
N GLY A 328 -6.71 7.22 7.56
CA GLY A 328 -7.24 8.33 6.80
C GLY A 328 -6.54 9.64 6.96
N ASN A 329 -6.89 10.60 6.09
CA ASN A 329 -6.40 11.97 6.19
C ASN A 329 -7.11 12.74 7.33
N ASP A 330 -8.01 12.07 8.07
CA ASP A 330 -8.66 12.59 9.25
C ASP A 330 -7.88 12.14 10.52
N ASN A 331 -6.61 11.63 10.36
CA ASN A 331 -5.75 11.25 11.48
C ASN A 331 -6.31 10.07 12.26
N LEU A 332 -7.20 9.25 11.65
CA LEU A 332 -7.78 8.13 12.39
C LEU A 332 -7.30 6.80 11.80
N VAL A 333 -7.24 5.80 12.63
CA VAL A 333 -7.03 4.42 12.21
C VAL A 333 -8.27 3.67 12.70
N ASN A 334 -8.98 2.97 11.81
CA ASN A 334 -10.10 2.12 12.23
C ASN A 334 -9.70 0.66 12.00
N VAL A 335 -10.14 -0.22 12.90
CA VAL A 335 -9.92 -1.65 12.71
C VAL A 335 -11.34 -2.19 12.59
N TRP A 336 -11.67 -2.78 11.44
CA TRP A 336 -13.00 -3.25 11.15
C TRP A 336 -13.07 -4.77 11.30
N PRO A 337 -14.27 -5.30 11.60
CA PRO A 337 -14.42 -6.77 11.63
C PRO A 337 -14.49 -7.35 10.21
N SER A 338 -14.37 -8.67 10.10
CA SER A 338 -14.43 -9.32 8.79
C SER A 338 -15.87 -9.45 8.24
N ALA A 339 -16.85 -9.45 9.14
CA ALA A 339 -18.25 -9.55 8.79
C ALA A 339 -19.07 -8.62 9.72
N PRO A 340 -20.23 -8.12 9.27
CA PRO A 340 -21.04 -7.28 10.15
C PRO A 340 -21.82 -8.08 11.21
N GLY A 341 -22.05 -9.38 10.95
CA GLY A 341 -22.81 -10.24 11.85
C GLY A 341 -24.24 -9.76 11.96
N GLU A 342 -24.81 -9.76 13.18
CA GLU A 342 -26.18 -9.24 13.38
C GLU A 342 -26.22 -7.72 13.65
N GLY A 343 -25.07 -7.11 13.86
CA GLY A 343 -24.96 -5.66 14.05
C GLY A 343 -24.63 -4.97 12.73
N GLY A 344 -24.27 -3.70 12.82
CA GLY A 344 -23.89 -2.95 11.62
C GLY A 344 -22.39 -2.92 11.40
N TRP A 345 -21.96 -2.30 10.30
CA TRP A 345 -20.53 -2.17 10.02
C TRP A 345 -19.97 -1.10 10.93
N VAL A 346 -19.49 -1.51 12.10
CA VAL A 346 -18.94 -0.57 13.07
C VAL A 346 -17.51 -1.01 13.44
N PRO A 347 -16.57 -0.06 13.57
CA PRO A 347 -15.19 -0.45 13.89
C PRO A 347 -15.06 -1.14 15.25
N LEU A 348 -14.21 -2.18 15.32
CA LEU A 348 -13.83 -2.86 16.57
C LEU A 348 -12.89 -1.93 17.39
N GLN A 349 -12.06 -1.13 16.70
CA GLN A 349 -11.16 -0.19 17.34
C GLN A 349 -11.06 1.08 16.51
N THR A 350 -10.90 2.24 17.17
CA THR A 350 -10.66 3.51 16.47
C THR A 350 -9.54 4.17 17.26
N PHE A 351 -8.39 4.30 16.63
CA PHE A 351 -7.18 4.86 17.24
C PHE A 351 -7.04 6.29 16.77
N THR A 352 -7.12 7.22 17.71
CA THR A 352 -7.00 8.64 17.40
C THR A 352 -5.61 9.23 17.74
N GLN A 353 -4.64 8.41 18.15
CA GLN A 353 -3.38 8.92 18.70
C GLN A 353 -2.43 9.50 17.67
N HIS A 354 -2.58 9.17 16.36
CA HIS A 354 -1.72 9.79 15.36
C HIS A 354 -2.20 11.25 15.12
N GLN A 355 -1.28 12.19 15.07
N GLN A 355 -1.29 12.21 15.09
CA GLN A 355 -1.60 13.61 14.89
CA GLN A 355 -1.63 13.61 14.86
C GLN A 355 -1.27 14.01 13.45
C GLN A 355 -1.24 13.99 13.44
N GLY A 356 -1.71 13.19 12.49
CA GLY A 356 -1.43 13.40 11.06
C GLY A 356 -2.02 12.27 10.22
N ALA A 357 -2.02 12.44 8.89
CA ALA A 357 -2.60 11.41 8.01
C ALA A 357 -1.96 10.03 8.21
N VAL A 358 -2.76 8.96 8.15
CA VAL A 358 -2.22 7.61 8.34
C VAL A 358 -2.27 6.84 7.03
N LYS A 359 -1.17 6.88 6.27
CA LYS A 359 -1.12 6.13 5.01
C LYS A 359 -0.50 4.75 5.23
N ALA A 360 0.38 4.65 6.22
CA ALA A 360 1.14 3.43 6.48
C ALA A 360 0.39 2.52 7.38
N VAL A 361 0.00 1.36 6.86
CA VAL A 361 -0.82 0.39 7.61
C VAL A 361 -0.29 -1.00 7.20
N ALA A 362 0.16 -1.79 8.16
CA ALA A 362 0.69 -3.14 7.84
C ALA A 362 0.57 -4.08 8.97
N TRP A 363 0.09 -5.31 8.70
CA TRP A 363 -0.11 -6.29 9.76
C TRP A 363 1.09 -7.16 9.96
N CYS A 364 1.30 -7.61 11.22
CA CYS A 364 2.41 -8.49 11.50
C CYS A 364 2.10 -9.86 10.89
N PRO A 365 2.94 -10.34 9.96
CA PRO A 365 2.65 -11.64 9.30
C PRO A 365 2.64 -12.85 10.22
N TRP A 366 3.30 -12.76 11.38
CA TRP A 366 3.33 -13.92 12.29
C TRP A 366 2.51 -13.72 13.57
N GLN A 367 1.75 -12.61 13.69
CA GLN A 367 0.93 -12.37 14.87
C GLN A 367 -0.34 -11.75 14.42
N SER A 368 -1.42 -12.53 14.47
CA SER A 368 -2.75 -12.22 14.01
C SER A 368 -3.25 -10.81 14.34
N ASN A 369 -3.13 -10.41 15.60
CA ASN A 369 -3.71 -9.15 16.06
C ASN A 369 -2.74 -8.00 16.15
N VAL A 370 -1.51 -8.12 15.63
CA VAL A 370 -0.55 -7.02 15.75
C VAL A 370 -0.50 -6.16 14.48
N LEU A 371 -0.71 -4.86 14.63
CA LEU A 371 -0.76 -3.94 13.50
C LEU A 371 0.27 -2.81 13.66
N ALA A 372 0.93 -2.38 12.57
CA ALA A 372 1.81 -1.20 12.58
C ALA A 372 1.16 -0.12 11.73
N THR A 373 1.18 1.12 12.23
CA THR A 373 0.67 2.27 11.50
C THR A 373 1.71 3.39 11.56
N GLY A 374 1.69 4.29 10.57
CA GLY A 374 2.61 5.42 10.56
C GLY A 374 1.91 6.70 10.14
N GLY A 375 2.27 7.81 10.77
CA GLY A 375 1.63 9.08 10.47
C GLY A 375 2.44 10.01 9.60
N GLY A 376 1.78 11.03 9.08
CA GLY A 376 2.39 12.02 8.21
C GLY A 376 3.33 12.98 8.91
N THR A 377 3.68 14.06 8.23
CA THR A 377 4.67 15.05 8.67
C THR A 377 4.41 15.64 10.04
N SER A 378 3.13 15.92 10.36
CA SER A 378 2.81 16.50 11.66
C SER A 378 2.83 15.47 12.81
N ASP A 379 3.00 14.16 12.49
CA ASP A 379 2.98 13.07 13.45
C ASP A 379 4.34 12.41 13.58
N ARG A 380 4.86 11.87 12.47
CA ARG A 380 6.18 11.29 12.32
C ARG A 380 6.37 9.99 13.07
N HIS A 381 5.32 9.42 13.69
CA HIS A 381 5.54 8.21 14.47
C HIS A 381 5.06 6.91 13.82
N ILE A 382 5.75 5.82 14.16
CA ILE A 382 5.33 4.47 13.88
C ILE A 382 4.72 3.98 15.20
N ARG A 383 3.51 3.43 15.16
CA ARG A 383 2.88 2.90 16.36
C ARG A 383 2.54 1.43 16.12
N ILE A 384 2.75 0.59 17.13
CA ILE A 384 2.42 -0.83 17.03
C ILE A 384 1.27 -1.06 17.99
N TRP A 385 0.25 -1.78 17.55
CA TRP A 385 -0.96 -2.03 18.33
C TRP A 385 -1.30 -3.51 18.46
N ASN A 386 -2.01 -3.88 19.53
CA ASN A 386 -2.65 -5.17 19.61
C ASN A 386 -4.13 -4.77 19.38
N VAL A 387 -4.74 -5.19 18.26
CA VAL A 387 -6.10 -4.77 17.91
C VAL A 387 -7.20 -5.44 18.75
N CYS A 388 -6.87 -6.50 19.46
N CYS A 388 -6.87 -6.49 19.52
CA CYS A 388 -7.82 -7.18 20.32
CA CYS A 388 -7.86 -7.14 20.37
C CYS A 388 -7.94 -6.38 21.63
C CYS A 388 -7.96 -6.46 21.72
N SER A 389 -6.81 -6.10 22.30
CA SER A 389 -6.80 -5.40 23.58
C SER A 389 -6.85 -3.87 23.43
N GLY A 390 -6.56 -3.35 22.23
CA GLY A 390 -6.47 -1.91 22.00
C GLY A 390 -5.16 -1.30 22.48
N ALA A 391 -4.23 -2.12 22.98
CA ALA A 391 -2.98 -1.60 23.52
C ALA A 391 -2.09 -1.01 22.46
N CYS A 392 -1.43 0.10 22.79
CA CYS A 392 -0.37 0.63 21.93
C CYS A 392 0.88 0.06 22.55
N LEU A 393 1.51 -0.87 21.86
CA LEU A 393 2.69 -1.57 22.33
C LEU A 393 3.98 -0.75 22.17
N SER A 394 4.00 0.16 21.19
CA SER A 394 5.19 0.96 20.94
C SER A 394 4.83 2.21 20.14
N ALA A 395 5.52 3.33 20.39
CA ALA A 395 5.33 4.56 19.62
C ALA A 395 6.73 5.11 19.43
N VAL A 396 7.20 5.13 18.19
CA VAL A 396 8.56 5.56 17.89
C VAL A 396 8.57 6.73 16.94
N ASP A 397 9.33 7.78 17.26
CA ASP A 397 9.43 8.95 16.40
C ASP A 397 10.44 8.66 15.28
N ALA A 398 9.97 8.63 14.04
CA ALA A 398 10.81 8.42 12.85
C ALA A 398 11.47 9.70 12.33
N HIS A 399 11.09 10.90 12.87
CA HIS A 399 11.59 12.22 12.49
C HIS A 399 11.23 12.66 11.07
N SER A 400 10.20 12.06 10.49
CA SER A 400 9.75 12.40 9.17
C SER A 400 8.39 11.79 8.96
N GLN A 401 7.69 12.19 7.90
CA GLN A 401 6.44 11.50 7.53
C GLN A 401 6.72 10.04 7.25
N VAL A 402 5.77 9.15 7.56
CA VAL A 402 5.97 7.72 7.36
C VAL A 402 4.95 7.31 6.25
N CYS A 403 5.40 7.22 5.01
CA CYS A 403 4.51 6.91 3.89
C CYS A 403 4.06 5.48 3.85
N SER A 404 4.93 4.57 4.29
N SER A 404 4.94 4.56 4.25
CA SER A 404 4.66 3.15 4.19
CA SER A 404 4.68 3.13 4.19
C SER A 404 5.43 2.35 5.20
C SER A 404 5.41 2.37 5.25
N ILE A 405 4.89 1.19 5.59
CA ILE A 405 5.53 0.24 6.50
C ILE A 405 5.32 -1.15 5.90
N LEU A 406 6.36 -1.96 5.92
CA LEU A 406 6.26 -3.36 5.55
C LEU A 406 6.94 -4.19 6.65
N TRP A 407 6.51 -5.43 6.83
CA TRP A 407 7.18 -6.33 7.76
C TRP A 407 7.93 -7.38 6.93
N SER A 408 9.11 -7.77 7.38
CA SER A 408 9.79 -8.88 6.71
C SER A 408 9.12 -10.13 7.24
N PRO A 409 8.67 -11.02 6.33
CA PRO A 409 8.08 -12.28 6.79
C PRO A 409 9.11 -13.32 7.20
N HIS A 410 10.44 -12.97 7.24
CA HIS A 410 11.51 -13.91 7.58
C HIS A 410 12.46 -13.39 8.67
N TYR A 411 12.83 -12.10 8.64
CA TYR A 411 13.78 -11.52 9.64
C TYR A 411 13.24 -10.92 10.95
N LYS A 412 11.93 -10.82 11.16
CA LYS A 412 11.43 -10.16 12.40
C LYS A 412 11.93 -8.68 12.43
N GLU A 413 11.73 -8.03 11.32
CA GLU A 413 12.10 -6.64 11.14
C GLU A 413 10.96 -5.92 10.43
N LEU A 414 10.96 -4.60 10.52
CA LEU A 414 10.02 -3.76 9.79
C LEU A 414 10.85 -2.79 8.93
N ILE A 415 10.29 -2.31 7.83
CA ILE A 415 10.94 -1.29 7.01
C ILE A 415 9.93 -0.18 6.74
N SER A 416 10.36 1.06 6.86
CA SER A 416 9.48 2.23 6.67
C SER A 416 10.07 3.18 5.65
N GLY A 417 9.22 3.95 4.95
CA GLY A 417 9.64 4.90 3.93
C GLY A 417 9.33 6.31 4.38
N HIS A 418 10.19 7.25 4.03
CA HIS A 418 10.11 8.61 4.57
C HIS A 418 10.35 9.72 3.56
N GLY A 419 10.11 10.95 4.02
CA GLY A 419 10.29 12.16 3.24
C GLY A 419 11.36 13.04 3.82
N PHE A 420 11.09 14.35 3.93
CA PHE A 420 12.04 15.35 4.43
C PHE A 420 12.57 14.95 5.81
N ALA A 421 13.89 15.03 6.06
CA ALA A 421 14.89 15.59 5.15
C ALA A 421 15.73 14.58 4.39
N GLN A 422 15.74 13.32 4.83
CA GLN A 422 16.63 12.33 4.23
C GLN A 422 16.06 11.45 3.12
N ASN A 423 14.71 11.38 2.96
CA ASN A 423 14.05 10.58 1.90
C ASN A 423 14.56 9.13 1.91
N GLN A 424 14.71 8.60 3.11
CA GLN A 424 15.30 7.28 3.28
C GLN A 424 14.31 6.19 3.65
N LEU A 425 14.77 4.94 3.58
CA LEU A 425 14.02 3.83 4.13
C LEU A 425 14.75 3.47 5.45
N VAL A 426 14.01 3.11 6.48
CA VAL A 426 14.62 2.71 7.75
C VAL A 426 14.23 1.29 8.06
N ILE A 427 15.21 0.44 8.39
CA ILE A 427 14.93 -0.91 8.82
C ILE A 427 14.98 -0.95 10.33
N TRP A 428 13.96 -1.54 10.96
CA TRP A 428 13.86 -1.63 12.41
C TRP A 428 13.82 -3.07 12.86
N LYS A 429 14.44 -3.38 14.01
CA LYS A 429 14.40 -4.73 14.55
C LYS A 429 13.16 -4.85 15.41
N TYR A 430 12.40 -5.92 15.25
CA TYR A 430 11.21 -6.14 16.06
C TYR A 430 11.48 -7.29 17.06
N PRO A 431 11.11 -7.21 18.37
CA PRO A 431 10.25 -6.19 19.00
C PRO A 431 10.91 -4.99 19.67
N THR A 432 12.25 -4.91 19.66
CA THR A 432 12.92 -3.79 20.33
C THR A 432 12.70 -2.44 19.69
N MET A 433 12.33 -2.42 18.40
CA MET A 433 12.18 -1.19 17.62
C MET A 433 13.52 -0.42 17.55
N ALA A 434 14.65 -1.12 17.61
CA ALA A 434 15.97 -0.53 17.44
C ALA A 434 16.18 -0.32 15.93
N LYS A 435 16.86 0.76 15.56
CA LYS A 435 17.13 1.07 14.16
C LYS A 435 18.29 0.20 13.71
N VAL A 436 18.10 -0.62 12.65
CA VAL A 436 19.11 -1.55 12.13
C VAL A 436 19.95 -0.90 11.03
N ALA A 437 19.28 -0.15 10.14
CA ALA A 437 19.93 0.44 8.97
C ALA A 437 19.08 1.54 8.33
N GLU A 438 19.70 2.38 7.46
CA GLU A 438 19.01 3.39 6.69
C GLU A 438 19.46 3.22 5.25
N LEU A 439 18.49 3.13 4.34
CA LEU A 439 18.77 3.03 2.91
C LEU A 439 18.56 4.40 2.28
N LYS A 440 19.66 5.02 1.86
CA LYS A 440 19.64 6.35 1.28
C LYS A 440 19.93 6.34 -0.22
N GLY A 441 19.43 7.34 -0.92
CA GLY A 441 19.67 7.44 -2.36
C GLY A 441 18.61 8.23 -3.08
N HIS A 442 17.35 8.11 -2.64
CA HIS A 442 16.26 8.89 -3.25
C HIS A 442 16.51 10.38 -3.01
N THR A 443 16.25 11.20 -4.03
CA THR A 443 16.49 12.65 -3.91
C THR A 443 15.21 13.48 -3.67
N SER A 444 14.07 12.81 -3.57
CA SER A 444 12.77 13.38 -3.21
C SER A 444 12.01 12.34 -2.37
N ARG A 445 10.93 12.75 -1.72
CA ARG A 445 10.22 11.89 -0.78
C ARG A 445 9.76 10.55 -1.34
N VAL A 446 9.88 9.52 -0.52
CA VAL A 446 9.38 8.21 -0.86
C VAL A 446 7.85 8.30 -0.76
N LEU A 447 7.17 7.69 -1.73
CA LEU A 447 5.72 7.68 -1.89
C LEU A 447 5.11 6.38 -1.41
N SER A 448 5.69 5.23 -1.78
CA SER A 448 5.12 3.93 -1.42
C SER A 448 6.21 2.88 -1.41
N LEU A 449 6.01 1.83 -0.63
CA LEU A 449 6.85 0.65 -0.64
C LEU A 449 5.98 -0.55 -0.99
N THR A 450 6.60 -1.54 -1.62
CA THR A 450 5.97 -2.84 -1.85
C THR A 450 7.05 -3.91 -1.75
N MET A 451 6.66 -5.12 -1.36
CA MET A 451 7.64 -6.20 -1.17
C MET A 451 7.48 -7.33 -2.16
N SER A 452 8.62 -7.93 -2.57
CA SER A 452 8.61 -9.04 -3.51
C SER A 452 7.97 -10.28 -2.83
N PRO A 453 7.45 -11.23 -3.63
CA PRO A 453 6.74 -12.37 -3.03
C PRO A 453 7.64 -13.27 -2.17
N ASP A 454 8.94 -13.32 -2.47
CA ASP A 454 9.86 -14.08 -1.63
C ASP A 454 10.29 -13.36 -0.34
N GLY A 455 9.96 -12.08 -0.21
CA GLY A 455 10.30 -11.28 0.96
C GLY A 455 11.68 -10.67 0.93
N ALA A 456 12.46 -10.91 -0.15
CA ALA A 456 13.85 -10.46 -0.21
C ALA A 456 14.07 -9.00 -0.59
N THR A 457 13.16 -8.46 -1.41
CA THR A 457 13.34 -7.14 -2.00
C THR A 457 12.17 -6.22 -1.74
N VAL A 458 12.49 -4.97 -1.47
CA VAL A 458 11.52 -3.92 -1.26
C VAL A 458 11.66 -2.92 -2.39
N ALA A 459 10.56 -2.61 -3.09
CA ALA A 459 10.59 -1.57 -4.11
C ALA A 459 10.07 -0.29 -3.48
N SER A 460 10.80 0.80 -3.62
CA SER A 460 10.39 2.10 -3.11
C SER A 460 10.13 2.97 -4.32
N ALA A 461 8.97 3.59 -4.39
CA ALA A 461 8.62 4.50 -5.47
C ALA A 461 8.72 5.89 -4.84
N ALA A 462 9.39 6.82 -5.51
CA ALA A 462 9.60 8.14 -4.94
C ALA A 462 9.29 9.26 -5.92
N ALA A 463 9.09 10.47 -5.39
CA ALA A 463 8.83 11.67 -6.18
C ALA A 463 10.01 12.11 -7.08
N ASP A 464 11.18 11.44 -6.97
CA ASP A 464 12.29 11.72 -7.85
C ASP A 464 12.17 10.96 -9.19
N GLU A 465 11.00 10.32 -9.45
CA GLU A 465 10.71 9.58 -10.66
C GLU A 465 11.56 8.33 -10.81
N THR A 466 11.82 7.65 -9.70
CA THR A 466 12.54 6.37 -9.74
C THR A 466 11.82 5.34 -8.86
N LEU A 467 12.03 4.07 -9.18
CA LEU A 467 11.61 2.97 -8.34
C LEU A 467 12.93 2.29 -7.99
N ARG A 468 13.30 2.27 -6.70
CA ARG A 468 14.55 1.61 -6.29
C ARG A 468 14.22 0.26 -5.71
N LEU A 469 14.89 -0.81 -6.15
CA LEU A 469 14.57 -2.14 -5.63
C LEU A 469 15.69 -2.56 -4.73
N TRP A 470 15.43 -2.66 -3.43
CA TRP A 470 16.46 -2.95 -2.45
C TRP A 470 16.41 -4.40 -2.02
N ARG A 471 17.50 -5.14 -2.20
CA ARG A 471 17.52 -6.52 -1.75
C ARG A 471 18.03 -6.50 -0.32
N CYS A 472 17.28 -5.86 0.57
CA CYS A 472 17.68 -5.62 1.95
C CYS A 472 17.35 -6.77 2.90
N PHE A 473 16.58 -7.77 2.45
CA PHE A 473 16.28 -8.94 3.29
C PHE A 473 16.84 -10.24 2.68
N GLU A 474 18.04 -10.19 2.06
CA GLU A 474 18.67 -11.38 1.49
C GLU A 474 20.15 -11.16 1.23
N LEU A 475 20.91 -12.28 1.15
CA LEU A 475 22.34 -12.37 0.81
C LEU A 475 22.55 -13.36 -0.37
N ASP A 476 21.60 -14.31 -0.59
CA ASP A 476 21.62 -15.33 -1.65
C ASP A 476 22.78 -16.30 -1.53
N ARG B 1 12.88 8.88 -22.55
CA ARG B 1 12.66 8.28 -21.24
C ARG B 1 11.63 7.17 -21.32
N ALA B 2 12.09 5.92 -21.38
CA ALA B 2 11.21 4.77 -21.44
C ALA B 2 10.76 4.41 -20.01
N PRO B 3 9.45 4.27 -19.81
CA PRO B 3 8.96 3.91 -18.47
C PRO B 3 9.49 2.55 -18.01
O 0JY B 4 12.15 -0.35 -16.28
C 0JY B 4 11.75 0.76 -16.64
CA 0JY B 4 10.45 1.32 -16.07
N 0JY B 4 9.94 2.51 -16.75
CB 0JY B 4 9.39 0.23 -15.88
CAI 0JY B 4 8.28 0.46 -14.85
CAB 0JY B 4 7.41 1.66 -15.23
CAC 0JY B 4 8.89 0.72 -13.47
CAA 0JY B 4 7.38 -0.77 -14.76
N SER B 5 12.44 1.54 -17.48
CA SER B 5 13.72 1.11 -18.05
C SER B 5 14.86 1.29 -17.04
N ASP B 6 15.96 0.56 -17.24
CA ASP B 6 17.13 0.66 -16.37
C ASP B 6 18.10 1.69 -16.91
#